data_6F4S
#
_entry.id   6F4S
#
_cell.length_a   49.321
_cell.length_b   65.607
_cell.length_c   77.691
_cell.angle_alpha   90.00
_cell.angle_beta   90.00
_cell.angle_gamma   90.00
#
_symmetry.space_group_name_H-M   'P 21 21 21'
#
loop_
_entity.id
_entity.type
_entity.pdbx_description
1 polymer 'JmjC domain-containing protein 5'
2 polymer 'RCC1 domain-containing protein 1'
3 non-polymer 'MANGANESE (II) ION'
4 non-polymer '2-OXOGLUTARIC ACID'
5 non-polymer 2-AMINO-2-HYDROXYMETHYL-PROPANE-1,3-DIOL
6 non-polymer GLYCEROL
7 water water
#
loop_
_entity_poly.entity_id
_entity_poly.type
_entity_poly.pdbx_seq_one_letter_code
_entity_poly.pdbx_strand_id
1 'polypeptide(L)'
;HHHHHHSSGVDLGTENLYFQSTVPRLHRPSLQHFREQFLVPGRPVILKGVADHWPAMQKWSLEYIQEIAGARTVPVEVGS
RYTDEEWSQTLMTVNEFISKYIVNEPRDVGYLAQHQLFDQIPELKQDISIPDYCSLGDGEEEEITICAWFGPQGTISPLH
QDPQQNFLVQVMGRKYIRLYSPQESGALYPHDTHLLHNTSQVDVENPDLEKFPKFAKAPFLSCILSPGEILFIPVKYWHY
VRALDLSFSVSFWWS
;
A
2 'polypeptide(L)' CARAY B
#
# COMPACT_ATOMS: atom_id res chain seq x y z
N SER A 21 15.43 -5.60 -11.50
N SER A 21 15.49 -5.51 -11.20
CA SER A 21 15.37 -4.33 -12.22
CA SER A 21 15.33 -4.36 -12.08
C SER A 21 14.32 -3.40 -11.62
C SER A 21 14.34 -3.39 -11.46
N THR A 22 14.04 -2.30 -12.29
N THR A 22 14.08 -2.28 -12.14
CA THR A 22 13.23 -1.25 -11.72
CA THR A 22 13.22 -1.23 -11.62
C THR A 22 11.86 -1.26 -12.37
C THR A 22 11.88 -1.24 -12.33
N VAL A 23 10.88 -0.75 -11.63
CA VAL A 23 9.54 -0.61 -12.20
C VAL A 23 9.55 0.56 -13.18
N PRO A 24 9.04 0.40 -14.40
CA PRO A 24 8.99 1.53 -15.33
C PRO A 24 8.10 2.66 -14.86
N ARG A 25 8.46 3.87 -15.21
CA ARG A 25 7.67 5.07 -14.93
C ARG A 25 7.16 5.65 -16.25
N LEU A 26 5.86 5.89 -16.34
CA LEU A 26 5.23 6.44 -17.55
C LEU A 26 4.37 7.64 -17.16
N HIS A 27 4.46 8.71 -17.93
N HIS A 27 4.42 8.68 -17.97
CA HIS A 27 3.65 9.89 -17.67
CA HIS A 27 3.64 9.88 -17.72
C HIS A 27 2.30 9.74 -18.39
C HIS A 27 2.28 9.75 -18.39
N ARG A 28 1.23 9.71 -17.61
N ARG A 28 1.21 9.70 -17.59
CA ARG A 28 -0.15 9.76 -18.10
CA ARG A 28 -0.17 9.72 -18.04
C ARG A 28 -0.36 8.93 -19.37
C ARG A 28 -0.39 8.92 -19.33
N PRO A 29 -0.13 7.62 -19.32
CA PRO A 29 -0.36 6.81 -20.50
C PRO A 29 -1.84 6.73 -20.84
N SER A 30 -2.12 6.55 -22.13
CA SER A 30 -3.51 6.41 -22.55
C SER A 30 -4.14 5.18 -21.88
N LEU A 31 -5.47 5.18 -21.79
CA LEU A 31 -6.16 4.01 -21.27
C LEU A 31 -5.81 2.76 -22.08
N GLN A 32 -5.76 2.89 -23.40
N GLN A 32 -5.76 2.88 -23.40
CA GLN A 32 -5.46 1.75 -24.26
CA GLN A 32 -5.47 1.73 -24.25
C GLN A 32 -4.05 1.23 -24.03
C GLN A 32 -4.05 1.22 -24.03
N HIS A 33 -3.08 2.14 -23.91
CA HIS A 33 -1.70 1.71 -23.67
C HIS A 33 -1.56 1.00 -22.33
N PHE A 34 -2.16 1.58 -21.28
CA PHE A 34 -2.14 0.93 -19.98
C PHE A 34 -2.80 -0.45 -20.06
N ARG A 35 -3.95 -0.52 -20.73
N ARG A 35 -3.96 -0.52 -20.71
CA ARG A 35 -4.66 -1.79 -20.85
CA ARG A 35 -4.69 -1.80 -20.77
C ARG A 35 -3.80 -2.84 -21.54
C ARG A 35 -3.85 -2.87 -21.46
N GLU A 36 -3.23 -2.50 -22.69
N GLU A 36 -3.25 -2.53 -22.59
CA GLU A 36 -2.57 -3.52 -23.49
CA GLU A 36 -2.63 -3.57 -23.41
C GLU A 36 -1.20 -3.90 -22.94
C GLU A 36 -1.20 -3.90 -22.97
N GLN A 37 -0.47 -2.94 -22.40
CA GLN A 37 0.92 -3.18 -22.00
C GLN A 37 1.09 -3.55 -20.53
N PHE A 38 0.10 -3.28 -19.67
CA PHE A 38 0.27 -3.47 -18.23
C PHE A 38 -0.87 -4.24 -17.60
N LEU A 39 -2.12 -3.84 -17.84
CA LEU A 39 -3.24 -4.49 -17.15
C LEU A 39 -3.46 -5.90 -17.65
N VAL A 40 -3.56 -6.09 -18.96
CA VAL A 40 -3.84 -7.42 -19.48
C VAL A 40 -2.67 -8.37 -19.21
N PRO A 41 -1.41 -8.01 -19.46
CA PRO A 41 -0.34 -8.95 -19.16
C PRO A 41 0.00 -9.03 -17.68
N GLY A 42 -0.50 -8.13 -16.86
CA GLY A 42 -0.22 -8.20 -15.44
C GLY A 42 1.19 -7.74 -15.10
N ARG A 43 1.63 -6.61 -15.66
N ARG A 43 1.62 -6.61 -15.65
CA ARG A 43 2.96 -6.08 -15.43
CA ARG A 43 2.95 -6.07 -15.43
C ARG A 43 2.91 -4.79 -14.62
C ARG A 43 2.86 -4.81 -14.57
N PRO A 44 3.71 -4.65 -13.55
CA PRO A 44 3.67 -3.42 -12.76
C PRO A 44 4.21 -2.21 -13.52
N VAL A 45 3.72 -1.03 -13.12
CA VAL A 45 4.19 0.23 -13.69
C VAL A 45 3.90 1.32 -12.68
N ILE A 46 4.69 2.38 -12.72
CA ILE A 46 4.43 3.61 -11.96
C ILE A 46 3.89 4.66 -12.91
N LEU A 47 2.73 5.22 -12.57
CA LEU A 47 2.05 6.24 -13.34
C LEU A 47 2.36 7.60 -12.74
N LYS A 48 2.90 8.50 -13.55
N LYS A 48 2.90 8.48 -13.56
CA LYS A 48 3.24 9.85 -13.17
CA LYS A 48 3.25 9.85 -13.21
C LYS A 48 2.31 10.82 -13.85
C LYS A 48 2.22 10.78 -13.81
N GLY A 49 2.08 11.95 -13.20
CA GLY A 49 1.23 12.97 -13.77
C GLY A 49 -0.25 12.69 -13.64
N VAL A 50 -0.63 11.74 -12.80
CA VAL A 50 -2.02 11.34 -12.61
C VAL A 50 -2.56 11.80 -11.27
N ALA A 51 -1.85 11.48 -10.19
CA ALA A 51 -2.26 11.87 -8.85
C ALA A 51 -1.53 13.09 -8.32
N ASP A 52 -0.57 13.63 -9.08
CA ASP A 52 0.19 14.77 -8.59
C ASP A 52 -0.68 16.00 -8.42
N HIS A 53 -1.91 16.02 -8.93
N HIS A 53 -1.91 15.98 -8.93
CA HIS A 53 -2.77 17.16 -8.69
CA HIS A 53 -2.86 17.07 -8.83
C HIS A 53 -4.00 16.83 -7.83
C HIS A 53 -3.94 16.87 -7.78
N TRP A 54 -3.95 15.74 -7.07
CA TRP A 54 -4.91 15.55 -6.00
C TRP A 54 -4.77 16.71 -5.02
N PRO A 55 -5.86 17.27 -4.52
CA PRO A 55 -5.72 18.26 -3.42
C PRO A 55 -4.90 17.74 -2.23
N ALA A 56 -5.00 16.43 -1.95
CA ALA A 56 -4.25 15.83 -0.84
C ALA A 56 -2.76 16.17 -0.91
N MET A 57 -2.21 16.25 -2.13
CA MET A 57 -0.75 16.39 -2.28
C MET A 57 -0.26 17.65 -1.59
N GLN A 58 -1.07 18.70 -1.58
N GLN A 58 -1.07 18.71 -1.59
CA GLN A 58 -0.66 19.91 -0.88
CA GLN A 58 -0.67 19.95 -0.92
C GLN A 58 -1.31 20.05 0.48
C GLN A 58 -1.42 20.21 0.37
N LYS A 59 -2.49 19.47 0.66
CA LYS A 59 -3.26 19.73 1.88
C LYS A 59 -2.89 18.85 3.05
N TRP A 60 -2.51 17.61 2.81
CA TRP A 60 -2.37 16.65 3.90
C TRP A 60 -1.05 16.88 4.61
N SER A 61 -1.15 17.50 5.77
N SER A 61 -1.14 17.45 5.78
CA SER A 61 -0.10 17.62 6.77
CA SER A 61 -0.05 17.48 6.74
C SER A 61 -0.60 16.93 8.02
C SER A 61 -0.59 16.87 8.02
N LEU A 62 0.29 16.68 8.99
CA LEU A 62 -0.17 16.17 10.28
C LEU A 62 -1.24 17.08 10.86
N GLU A 63 -1.04 18.40 10.77
N GLU A 63 -1.03 18.41 10.80
CA GLU A 63 -1.99 19.35 11.33
CA GLU A 63 -2.02 19.35 11.34
C GLU A 63 -3.34 19.22 10.65
C GLU A 63 -3.36 19.18 10.65
N TYR A 64 -3.36 19.08 9.32
CA TYR A 64 -4.62 18.93 8.60
C TYR A 64 -5.31 17.62 8.97
N ILE A 65 -4.56 16.53 9.02
CA ILE A 65 -5.13 15.24 9.42
C ILE A 65 -5.71 15.32 10.83
N GLN A 66 -5.00 15.99 11.75
CA GLN A 66 -5.53 16.13 13.11
C GLN A 66 -6.82 16.93 13.10
N GLU A 67 -6.87 18.02 12.32
N GLU A 67 -6.87 18.02 12.33
CA GLU A 67 -8.07 18.85 12.28
CA GLU A 67 -8.05 18.88 12.32
C GLU A 67 -9.26 18.11 11.69
C GLU A 67 -9.27 18.11 11.81
N ILE A 68 -9.06 17.32 10.64
N ILE A 68 -9.12 17.35 10.73
CA ILE A 68 -10.20 16.69 9.95
CA ILE A 68 -10.28 16.72 10.10
C ILE A 68 -10.57 15.33 10.55
C ILE A 68 -10.61 15.38 10.74
N ALA A 69 -9.60 14.59 11.10
CA ALA A 69 -9.79 13.21 11.48
C ALA A 69 -9.39 12.90 12.91
N GLY A 70 -8.79 13.86 13.62
CA GLY A 70 -8.14 13.55 14.88
C GLY A 70 -9.03 12.88 15.91
N ALA A 71 -10.30 13.25 15.95
CA ALA A 71 -11.18 12.73 16.99
C ALA A 71 -11.78 11.38 16.67
N ARG A 72 -11.55 10.86 15.47
CA ARG A 72 -12.18 9.61 15.05
C ARG A 72 -11.37 8.40 15.50
N THR A 73 -12.08 7.29 15.73
CA THR A 73 -11.44 6.05 16.15
C THR A 73 -10.97 5.28 14.94
N VAL A 74 -9.75 4.78 15.00
CA VAL A 74 -9.19 3.97 13.94
C VAL A 74 -8.51 2.74 14.51
N PRO A 75 -8.47 1.66 13.71
CA PRO A 75 -7.66 0.51 14.09
C PRO A 75 -6.20 0.77 13.82
N VAL A 76 -5.36 0.32 14.74
CA VAL A 76 -3.92 0.53 14.67
C VAL A 76 -3.21 -0.80 14.88
N GLU A 77 -2.32 -1.15 13.97
N GLU A 77 -2.29 -1.13 13.98
CA GLU A 77 -1.48 -2.34 14.10
CA GLU A 77 -1.47 -2.33 14.10
C GLU A 77 -0.20 -1.97 14.84
C GLU A 77 -0.19 -1.96 14.85
N VAL A 78 0.11 -2.69 15.90
CA VAL A 78 1.25 -2.40 16.77
C VAL A 78 2.21 -3.58 16.72
N GLY A 79 3.44 -3.30 16.31
CA GLY A 79 4.44 -4.33 16.09
C GLY A 79 5.15 -4.14 14.77
N SER A 80 6.32 -4.76 14.63
N SER A 80 6.36 -4.69 14.66
CA SER A 80 7.15 -4.54 13.44
CA SER A 80 7.17 -4.49 13.46
C SER A 80 6.45 -5.01 12.17
C SER A 80 6.47 -5.04 12.22
N ARG A 81 5.88 -6.21 12.20
CA ARG A 81 5.33 -6.86 11.02
C ARG A 81 4.15 -7.69 11.50
N TYR A 82 3.11 -7.77 10.66
CA TYR A 82 1.94 -8.53 11.08
C TYR A 82 2.18 -10.02 11.19
N THR A 83 3.33 -10.52 10.74
CA THR A 83 3.68 -11.91 10.90
C THR A 83 4.38 -12.19 12.24
N ASP A 84 4.67 -11.16 13.03
CA ASP A 84 5.35 -11.32 14.31
C ASP A 84 4.41 -11.89 15.37
N GLU A 85 5.00 -12.57 16.36
N GLU A 85 4.98 -12.63 16.32
CA GLU A 85 4.22 -13.10 17.48
CA GLU A 85 4.18 -13.17 17.41
C GLU A 85 3.68 -11.98 18.35
C GLU A 85 3.75 -12.06 18.36
N GLU A 86 4.50 -10.95 18.61
CA GLU A 86 4.10 -9.90 19.55
C GLU A 86 3.11 -8.91 18.95
N TRP A 87 2.89 -8.97 17.65
CA TRP A 87 2.06 -8.01 16.95
C TRP A 87 0.62 -8.07 17.42
N SER A 88 -0.05 -6.92 17.43
CA SER A 88 -1.45 -6.88 17.83
C SER A 88 -2.14 -5.72 17.15
N GLN A 89 -3.47 -5.68 17.29
N GLN A 89 -3.46 -5.68 17.29
CA GLN A 89 -4.31 -4.61 16.78
CA GLN A 89 -4.30 -4.61 16.80
C GLN A 89 -5.06 -3.98 17.94
C GLN A 89 -5.01 -3.97 17.98
N THR A 90 -5.19 -2.66 17.91
CA THR A 90 -5.93 -1.95 18.94
C THR A 90 -6.75 -0.85 18.28
N LEU A 91 -7.45 -0.09 19.11
CA LEU A 91 -8.28 1.01 18.65
C LEU A 91 -7.87 2.25 19.42
N MET A 92 -7.76 3.36 18.69
N MET A 92 -7.72 3.37 18.72
CA MET A 92 -7.51 4.64 19.36
CA MET A 92 -7.43 4.64 19.37
C MET A 92 -7.93 5.77 18.43
C MET A 92 -7.88 5.76 18.44
N THR A 93 -7.93 6.98 18.96
CA THR A 93 -8.23 8.10 18.09
C THR A 93 -7.03 8.40 17.18
N VAL A 94 -7.31 9.06 16.06
CA VAL A 94 -6.22 9.51 15.20
C VAL A 94 -5.25 10.43 15.94
N ASN A 95 -5.77 11.31 16.80
CA ASN A 95 -4.88 12.17 17.60
C ASN A 95 -3.97 11.32 18.48
N GLU A 96 -4.53 10.30 19.14
CA GLU A 96 -3.71 9.42 19.96
C GLU A 96 -2.66 8.69 19.12
N PHE A 97 -3.05 8.19 17.96
CA PHE A 97 -2.11 7.52 17.08
C PHE A 97 -0.96 8.43 16.73
N ILE A 98 -1.26 9.65 16.31
CA ILE A 98 -0.20 10.58 15.92
C ILE A 98 0.71 10.86 17.12
N SER A 99 0.12 11.12 18.29
N SER A 99 0.12 11.13 18.29
CA SER A 99 0.91 11.46 19.46
CA SER A 99 0.93 11.48 19.45
C SER A 99 1.81 10.31 19.90
C SER A 99 1.84 10.33 19.87
N LYS A 100 1.31 9.08 19.86
N LYS A 100 1.32 9.10 19.90
CA LYS A 100 2.02 7.95 20.44
CA LYS A 100 2.07 7.98 20.45
C LYS A 100 2.96 7.25 19.47
C LYS A 100 3.04 7.37 19.45
N TYR A 101 2.63 7.25 18.19
CA TYR A 101 3.37 6.47 17.22
C TYR A 101 4.08 7.28 16.17
N ILE A 102 3.85 8.59 16.10
CA ILE A 102 4.52 9.41 15.10
C ILE A 102 5.38 10.50 15.74
N VAL A 103 4.79 11.38 16.54
CA VAL A 103 5.49 12.61 16.93
C VAL A 103 6.37 12.38 18.14
N ASN A 104 5.87 11.72 19.17
CA ASN A 104 6.70 11.50 20.33
C ASN A 104 7.52 10.25 20.05
N GLU A 105 8.77 10.27 20.50
CA GLU A 105 9.71 9.18 20.26
C GLU A 105 9.00 7.88 20.56
N PRO A 106 8.50 7.17 19.54
CA PRO A 106 7.61 6.03 19.82
C PRO A 106 8.33 4.84 20.43
N ARG A 107 7.63 4.14 21.30
N ARG A 107 7.65 4.18 21.37
CA ARG A 107 8.16 2.95 21.93
CA ARG A 107 8.17 2.96 21.96
C ARG A 107 8.02 1.71 21.05
C ARG A 107 8.19 1.82 20.95
N ASP A 108 7.13 1.75 20.07
N ASP A 108 7.17 1.76 20.09
CA ASP A 108 6.88 0.61 19.19
CA ASP A 108 6.99 0.65 19.19
C ASP A 108 6.48 1.19 17.85
C ASP A 108 6.48 1.19 17.86
N VAL A 109 6.52 0.34 16.83
CA VAL A 109 6.00 0.72 15.52
C VAL A 109 4.49 0.59 15.55
N GLY A 110 3.79 1.64 15.14
CA GLY A 110 2.36 1.60 14.97
C GLY A 110 2.00 2.01 13.55
N TYR A 111 0.92 1.44 13.04
CA TYR A 111 0.54 1.62 11.64
C TYR A 111 -0.96 1.66 11.52
N LEU A 112 -1.50 2.76 10.99
CA LEU A 112 -2.90 2.85 10.62
C LEU A 112 -2.99 2.30 9.22
N ALA A 113 -3.21 0.99 9.12
CA ALA A 113 -3.10 0.25 7.88
C ALA A 113 -4.44 -0.31 7.46
N GLN A 114 -4.59 -0.48 6.15
CA GLN A 114 -5.67 -1.26 5.56
C GLN A 114 -7.03 -0.83 6.10
N HIS A 115 -7.25 0.48 6.16
CA HIS A 115 -8.46 1.03 6.78
C HIS A 115 -9.24 1.93 5.82
N GLN A 116 -10.56 1.70 5.74
CA GLN A 116 -11.44 2.49 4.84
C GLN A 116 -11.79 3.83 5.49
N LEU A 117 -10.75 4.65 5.60
CA LEU A 117 -10.85 5.94 6.26
C LEU A 117 -11.77 6.90 5.51
N PHE A 118 -11.87 6.74 4.19
CA PHE A 118 -12.61 7.69 3.35
C PHE A 118 -14.11 7.44 3.39
N ASP A 119 -14.52 6.21 3.70
N ASP A 119 -14.53 6.20 3.64
CA ASP A 119 -15.91 5.92 4.00
CA ASP A 119 -15.90 5.94 4.00
C ASP A 119 -16.29 6.40 5.39
C ASP A 119 -16.23 6.54 5.35
N GLN A 120 -15.31 6.38 6.31
CA GLN A 120 -15.52 6.87 7.66
C GLN A 120 -15.58 8.39 7.68
N ILE A 121 -14.76 9.05 6.88
CA ILE A 121 -14.58 10.50 6.91
C ILE A 121 -14.77 11.02 5.48
N PRO A 122 -16.00 11.22 5.05
CA PRO A 122 -16.23 11.59 3.64
C PRO A 122 -15.55 12.88 3.22
N GLU A 123 -15.31 13.80 4.15
CA GLU A 123 -14.65 15.04 3.79
C GLU A 123 -13.29 14.76 3.13
N LEU A 124 -12.54 13.78 3.66
CA LEU A 124 -11.24 13.46 3.09
C LEU A 124 -11.35 12.91 1.69
N LYS A 125 -12.49 12.34 1.33
N LYS A 125 -12.49 12.35 1.33
CA LYS A 125 -12.66 11.82 -0.01
CA LYS A 125 -12.65 11.84 -0.02
C LYS A 125 -12.58 12.93 -1.05
C LYS A 125 -12.61 12.93 -1.06
N GLN A 126 -12.90 14.18 -0.65
CA GLN A 126 -12.84 15.28 -1.59
C GLN A 126 -11.42 15.59 -2.01
N ASP A 127 -10.44 15.06 -1.27
CA ASP A 127 -9.04 15.38 -1.52
C ASP A 127 -8.37 14.39 -2.46
N ILE A 128 -9.07 13.33 -2.87
CA ILE A 128 -8.53 12.27 -3.70
C ILE A 128 -9.45 12.07 -4.89
N SER A 129 -8.98 11.25 -5.84
N SER A 129 -9.02 11.24 -5.82
CA SER A 129 -9.78 10.87 -7.01
CA SER A 129 -9.88 10.86 -6.94
C SER A 129 -9.49 9.41 -7.35
C SER A 129 -9.50 9.46 -7.41
N ILE A 130 -10.52 8.70 -7.77
CA ILE A 130 -10.29 7.33 -8.29
C ILE A 130 -9.63 7.46 -9.65
N PRO A 131 -8.51 6.78 -9.90
CA PRO A 131 -7.86 6.87 -11.21
C PRO A 131 -8.80 6.43 -12.32
N ASP A 132 -8.76 7.13 -13.45
CA ASP A 132 -9.62 6.78 -14.58
C ASP A 132 -9.34 5.38 -15.10
N TYR A 133 -8.13 4.87 -14.89
CA TYR A 133 -7.79 3.53 -15.34
C TYR A 133 -8.66 2.44 -14.72
N CYS A 134 -9.22 2.70 -13.53
CA CYS A 134 -10.09 1.71 -12.91
C CYS A 134 -11.29 1.39 -13.77
N SER A 135 -11.68 2.29 -14.67
CA SER A 135 -12.84 2.03 -15.51
C SER A 135 -12.58 0.94 -16.54
N LEU A 136 -11.32 0.51 -16.69
CA LEU A 136 -11.01 -0.59 -17.57
C LEU A 136 -11.34 -1.93 -16.97
N GLY A 137 -11.67 -1.96 -15.69
CA GLY A 137 -11.99 -3.21 -15.05
C GLY A 137 -13.39 -3.64 -15.38
N ASP A 138 -13.68 -4.88 -14.99
N ASP A 138 -13.69 -4.88 -15.01
CA ASP A 138 -14.99 -5.46 -15.21
CA ASP A 138 -15.01 -5.44 -15.23
C ASP A 138 -15.93 -5.29 -14.02
C ASP A 138 -15.96 -5.20 -14.06
N GLY A 139 -15.50 -4.54 -12.99
CA GLY A 139 -16.30 -4.33 -11.80
C GLY A 139 -16.96 -2.94 -11.74
N GLU A 140 -17.83 -2.77 -10.74
CA GLU A 140 -18.55 -1.52 -10.52
C GLU A 140 -17.72 -0.55 -9.69
N GLU A 141 -17.77 0.73 -10.06
N GLU A 141 -17.73 0.73 -10.09
CA GLU A 141 -17.06 1.74 -9.27
CA GLU A 141 -16.97 1.72 -9.34
C GLU A 141 -17.51 1.71 -7.81
C GLU A 141 -17.38 1.75 -7.88
N GLU A 142 -18.78 1.43 -7.57
N GLU A 142 -18.65 1.47 -7.58
CA GLU A 142 -19.27 1.36 -6.19
CA GLU A 142 -19.13 1.48 -6.21
C GLU A 142 -18.61 0.25 -5.38
C GLU A 142 -18.59 0.31 -5.39
N GLU A 143 -17.95 -0.72 -6.04
N GLU A 143 -17.97 -0.68 -6.03
CA GLU A 143 -17.32 -1.82 -5.35
CA GLU A 143 -17.35 -1.79 -5.32
C GLU A 143 -15.82 -1.62 -5.18
C GLU A 143 -15.85 -1.61 -5.14
N ILE A 144 -15.29 -0.48 -5.62
CA ILE A 144 -13.87 -0.21 -5.45
C ILE A 144 -13.61 0.05 -3.97
N THR A 145 -12.57 -0.56 -3.42
CA THR A 145 -12.27 -0.40 -2.00
C THR A 145 -11.10 0.56 -1.87
N ILE A 146 -11.26 1.61 -1.06
CA ILE A 146 -10.25 2.65 -0.91
C ILE A 146 -9.75 2.57 0.52
N CYS A 147 -8.44 2.37 0.68
CA CYS A 147 -7.85 2.26 2.01
C CYS A 147 -6.75 3.27 2.23
N ALA A 148 -6.64 3.69 3.48
CA ALA A 148 -5.55 4.53 3.96
C ALA A 148 -4.46 3.69 4.62
N TRP A 149 -3.22 4.15 4.43
CA TRP A 149 -2.02 3.53 5.02
C TRP A 149 -1.18 4.69 5.55
N PHE A 150 -1.23 4.91 6.85
CA PHE A 150 -0.65 6.11 7.45
C PHE A 150 0.21 5.68 8.63
N GLY A 151 1.49 6.06 8.60
CA GLY A 151 2.35 5.65 9.68
C GLY A 151 3.70 6.29 9.62
N PRO A 152 4.51 6.01 10.64
CA PRO A 152 5.85 6.57 10.72
C PRO A 152 6.80 5.89 9.74
N GLN A 153 7.97 6.49 9.61
CA GLN A 153 9.09 5.79 9.01
C GLN A 153 9.23 4.41 9.66
N GLY A 154 9.49 3.40 8.84
CA GLY A 154 9.83 2.10 9.34
C GLY A 154 8.72 1.10 9.38
N THR A 155 7.50 1.50 9.08
CA THR A 155 6.46 0.47 8.95
C THR A 155 6.82 -0.49 7.83
N ILE A 156 6.45 -1.75 8.02
CA ILE A 156 6.73 -2.81 7.06
C ILE A 156 5.47 -3.63 6.86
N SER A 157 5.10 -3.85 5.60
CA SER A 157 4.08 -4.81 5.22
C SER A 157 4.81 -5.99 4.58
N PRO A 158 4.85 -7.14 5.26
CA PRO A 158 5.53 -8.31 4.71
C PRO A 158 4.98 -8.71 3.35
N LEU A 159 5.82 -9.45 2.62
CA LEU A 159 5.51 -9.88 1.26
C LEU A 159 4.22 -10.68 1.23
N HIS A 160 3.27 -10.22 0.44
CA HIS A 160 1.95 -10.82 0.34
C HIS A 160 1.34 -10.50 -1.01
N GLN A 161 0.22 -11.18 -1.31
CA GLN A 161 -0.51 -10.94 -2.55
C GLN A 161 -1.98 -10.75 -2.23
N ASP A 162 -2.64 -9.97 -3.09
CA ASP A 162 -4.02 -9.60 -2.92
C ASP A 162 -4.87 -10.08 -4.09
N PRO A 163 -6.19 -10.21 -3.89
CA PRO A 163 -7.08 -10.82 -4.87
C PRO A 163 -7.72 -9.86 -5.88
N GLN A 164 -7.29 -8.60 -5.90
CA GLN A 164 -7.79 -7.61 -6.84
C GLN A 164 -6.61 -6.83 -7.37
N GLN A 165 -6.84 -6.11 -8.46
CA GLN A 165 -5.87 -5.14 -8.95
C GLN A 165 -5.75 -4.02 -7.91
N ASN A 166 -4.61 -3.33 -7.92
CA ASN A 166 -4.40 -2.23 -6.97
C ASN A 166 -3.67 -1.07 -7.62
N PHE A 167 -4.15 0.15 -7.35
CA PHE A 167 -3.35 1.36 -7.52
C PHE A 167 -3.00 1.88 -6.13
N LEU A 168 -1.70 1.89 -5.82
CA LEU A 168 -1.19 2.43 -4.56
C LEU A 168 -0.62 3.81 -4.82
N VAL A 169 -1.25 4.82 -4.25
CA VAL A 169 -0.92 6.22 -4.48
C VAL A 169 -0.15 6.75 -3.28
N GLN A 170 1.03 7.31 -3.52
CA GLN A 170 1.84 7.87 -2.46
C GLN A 170 1.52 9.36 -2.33
N VAL A 171 1.10 9.79 -1.13
CA VAL A 171 0.76 11.19 -0.89
C VAL A 171 1.86 11.89 -0.09
N MET A 172 2.25 11.31 1.05
N MET A 172 2.32 11.25 0.99
CA MET A 172 3.30 11.83 1.92
CA MET A 172 3.31 11.80 1.89
C MET A 172 4.40 10.80 2.06
C MET A 172 4.42 10.79 2.08
N GLY A 173 5.67 11.26 2.01
CA GLY A 173 6.81 10.38 2.24
C GLY A 173 7.08 9.42 1.09
N ARG A 174 8.07 8.55 1.31
CA ARG A 174 8.49 7.57 0.32
C ARG A 174 8.42 6.16 0.88
N LYS A 175 8.24 5.19 -0.03
CA LYS A 175 8.23 3.78 0.33
C LYS A 175 9.16 2.98 -0.58
N TYR A 176 9.91 2.06 0.01
CA TYR A 176 10.66 1.05 -0.72
C TYR A 176 9.76 -0.15 -0.95
N ILE A 177 9.63 -0.56 -2.20
CA ILE A 177 8.68 -1.59 -2.59
C ILE A 177 9.39 -2.64 -3.42
N ARG A 178 9.19 -3.91 -3.07
N ARG A 178 9.20 -3.90 -3.07
CA ARG A 178 9.71 -5.07 -3.80
CA ARG A 178 9.68 -5.00 -3.87
C ARG A 178 8.55 -5.88 -4.33
C ARG A 178 8.50 -5.81 -4.36
N LEU A 179 8.61 -6.27 -5.60
CA LEU A 179 7.52 -6.95 -6.32
C LEU A 179 8.05 -8.24 -6.92
N TYR A 180 7.36 -9.34 -6.64
CA TYR A 180 7.65 -10.65 -7.20
C TYR A 180 6.41 -11.17 -7.93
N SER A 181 6.62 -11.66 -9.14
N SER A 181 6.58 -11.63 -9.16
CA SER A 181 5.51 -12.11 -9.96
CA SER A 181 5.44 -12.03 -9.93
C SER A 181 4.84 -13.35 -9.37
C SER A 181 4.83 -13.32 -9.38
N PRO A 182 3.54 -13.56 -9.65
CA PRO A 182 2.91 -14.82 -9.23
C PRO A 182 3.63 -16.05 -9.77
N GLN A 183 4.32 -15.95 -10.89
N GLN A 183 4.32 -15.97 -10.90
CA GLN A 183 5.09 -17.07 -11.41
CA GLN A 183 5.03 -17.14 -11.37
C GLN A 183 6.18 -17.51 -10.45
C GLN A 183 6.22 -17.50 -10.48
N GLU A 184 6.61 -16.63 -9.55
CA GLU A 184 7.67 -16.95 -8.60
C GLU A 184 7.15 -17.48 -7.28
N SER A 185 5.86 -17.80 -7.17
CA SER A 185 5.29 -18.14 -5.86
C SER A 185 6.03 -19.27 -5.14
N GLY A 186 6.48 -20.28 -5.87
CA GLY A 186 7.21 -21.38 -5.22
C GLY A 186 8.48 -20.99 -4.50
N ALA A 187 9.11 -19.90 -4.94
CA ALA A 187 10.32 -19.44 -4.31
C ALA A 187 10.04 -18.51 -3.14
N LEU A 188 8.76 -18.22 -2.88
CA LEU A 188 8.36 -17.29 -1.83
C LEU A 188 7.77 -18.01 -0.64
N TYR A 189 7.63 -19.32 -0.69
CA TYR A 189 7.28 -20.13 0.46
C TYR A 189 6.04 -19.58 1.19
N PRO A 190 4.89 -19.55 0.53
CA PRO A 190 3.67 -19.12 1.20
C PRO A 190 3.41 -19.94 2.45
N HIS A 191 2.85 -19.28 3.46
CA HIS A 191 2.37 -20.00 4.63
C HIS A 191 1.30 -21.02 4.25
N ASP A 192 1.25 -22.09 5.05
CA ASP A 192 0.28 -23.16 4.81
C ASP A 192 -1.08 -22.84 5.43
N THR A 193 -1.13 -22.06 6.51
CA THR A 193 -2.38 -21.85 7.22
C THR A 193 -3.34 -20.95 6.43
N HIS A 194 -4.63 -21.08 6.73
CA HIS A 194 -5.63 -20.38 5.95
C HIS A 194 -5.51 -18.88 6.10
N LEU A 195 -5.27 -18.40 7.32
CA LEU A 195 -5.20 -16.96 7.55
C LEU A 195 -3.97 -16.32 6.93
N LEU A 196 -2.92 -17.09 6.62
CA LEU A 196 -1.70 -16.52 6.08
C LEU A 196 -1.35 -17.05 4.68
N HIS A 197 -2.27 -17.72 4.00
CA HIS A 197 -1.88 -18.34 2.73
C HIS A 197 -1.53 -17.32 1.64
N ASN A 198 -1.94 -16.07 1.81
CA ASN A 198 -1.59 -14.99 0.91
C ASN A 198 -0.30 -14.30 1.29
N THR A 199 0.44 -14.83 2.25
CA THR A 199 1.62 -14.19 2.80
C THR A 199 2.81 -15.10 2.75
N SER A 200 3.96 -14.54 2.40
CA SER A 200 5.20 -15.29 2.33
C SER A 200 5.75 -15.54 3.73
N GLN A 201 6.43 -16.67 3.90
CA GLN A 201 7.18 -16.93 5.12
C GLN A 201 8.52 -16.19 5.18
N VAL A 202 8.95 -15.58 4.12
CA VAL A 202 10.28 -14.98 4.01
C VAL A 202 10.25 -13.52 4.43
N ASP A 203 11.27 -13.10 5.19
N ASP A 203 11.28 -13.08 5.15
CA ASP A 203 11.53 -11.68 5.43
CA ASP A 203 11.47 -11.65 5.45
C ASP A 203 12.35 -11.15 4.27
C ASP A 203 12.36 -11.05 4.35
N VAL A 204 11.73 -10.33 3.41
CA VAL A 204 12.37 -9.96 2.15
C VAL A 204 13.75 -9.37 2.35
N GLU A 205 13.92 -8.47 3.32
CA GLU A 205 15.16 -7.72 3.42
C GLU A 205 16.22 -8.40 4.28
N ASN A 206 15.89 -9.54 4.89
CA ASN A 206 16.87 -10.34 5.61
C ASN A 206 16.43 -11.79 5.57
N PRO A 207 16.44 -12.39 4.40
CA PRO A 207 15.84 -13.72 4.27
C PRO A 207 16.73 -14.78 4.88
N ASP A 208 16.09 -15.79 5.45
CA ASP A 208 16.81 -16.96 5.97
C ASP A 208 17.05 -17.88 4.78
N LEU A 209 18.24 -17.78 4.17
CA LEU A 209 18.45 -18.54 2.95
C LEU A 209 18.85 -19.98 3.22
N GLU A 210 19.10 -20.34 4.47
N GLU A 210 19.16 -20.34 4.47
CA GLU A 210 19.25 -21.74 4.81
CA GLU A 210 19.31 -21.75 4.79
C GLU A 210 17.91 -22.44 4.81
C GLU A 210 17.96 -22.45 4.75
N LYS A 211 16.87 -21.78 5.30
N LYS A 211 16.92 -21.78 5.23
CA LYS A 211 15.54 -22.36 5.32
CA LYS A 211 15.59 -22.35 5.29
C LYS A 211 14.79 -22.12 4.01
C LYS A 211 14.80 -22.11 4.02
N PHE A 212 15.08 -21.01 3.33
CA PHE A 212 14.33 -20.60 2.13
C PHE A 212 15.29 -20.35 0.96
N PRO A 213 16.05 -21.38 0.56
CA PRO A 213 17.11 -21.13 -0.45
C PRO A 213 16.61 -20.67 -1.80
N LYS A 214 15.40 -21.10 -2.21
CA LYS A 214 14.90 -20.70 -3.51
C LYS A 214 14.64 -19.21 -3.63
N PHE A 215 14.51 -18.51 -2.50
CA PHE A 215 14.22 -17.09 -2.54
C PHE A 215 15.37 -16.32 -3.14
N ALA A 216 16.61 -16.82 -2.98
CA ALA A 216 17.77 -16.00 -3.31
C ALA A 216 17.84 -15.68 -4.79
N LYS A 217 17.42 -16.61 -5.64
CA LYS A 217 17.53 -16.49 -7.08
C LYS A 217 16.25 -15.98 -7.73
N ALA A 218 15.20 -15.78 -6.95
CA ALA A 218 13.94 -15.34 -7.55
C ALA A 218 14.07 -13.92 -8.07
N PRO A 219 13.73 -13.66 -9.33
CA PRO A 219 13.82 -12.30 -9.85
C PRO A 219 12.71 -11.43 -9.29
N PHE A 220 12.98 -10.12 -9.27
CA PHE A 220 12.01 -9.16 -8.72
C PHE A 220 12.21 -7.80 -9.37
N LEU A 221 11.22 -6.95 -9.13
CA LEU A 221 11.31 -5.54 -9.44
C LEU A 221 11.31 -4.76 -8.15
N SER A 222 11.89 -3.59 -8.17
CA SER A 222 11.81 -2.74 -7.00
C SER A 222 11.73 -1.28 -7.39
N CYS A 223 11.29 -0.48 -6.42
CA CYS A 223 11.21 0.95 -6.62
C CYS A 223 11.20 1.66 -5.28
N ILE A 224 11.48 2.95 -5.35
CA ILE A 224 11.15 3.90 -4.29
C ILE A 224 9.99 4.74 -4.82
N LEU A 225 8.83 4.60 -4.18
CA LEU A 225 7.63 5.31 -4.60
C LEU A 225 7.58 6.63 -3.85
N SER A 226 7.52 7.75 -4.58
N SER A 226 7.51 7.73 -4.57
CA SER A 226 7.56 9.09 -4.03
CA SER A 226 7.55 9.06 -3.97
C SER A 226 6.22 9.80 -4.17
C SER A 226 6.23 9.78 -4.15
N PRO A 227 6.02 10.88 -3.42
CA PRO A 227 4.74 11.58 -3.48
C PRO A 227 4.32 11.93 -4.89
N GLY A 228 3.04 11.70 -5.17
CA GLY A 228 2.45 12.04 -6.43
C GLY A 228 2.49 10.90 -7.42
N GLU A 229 3.16 9.82 -7.08
CA GLU A 229 3.31 8.65 -7.95
C GLU A 229 2.28 7.59 -7.60
N ILE A 230 1.85 6.84 -8.62
CA ILE A 230 0.94 5.71 -8.44
C ILE A 230 1.65 4.44 -8.86
N LEU A 231 1.65 3.44 -8.01
CA LEU A 231 2.14 2.12 -8.39
C LEU A 231 0.96 1.22 -8.73
N PHE A 232 0.96 0.66 -9.94
CA PHE A 232 0.03 -0.39 -10.31
C PHE A 232 0.60 -1.73 -9.87
N ILE A 233 -0.12 -2.39 -8.97
CA ILE A 233 0.21 -3.74 -8.50
C ILE A 233 -0.81 -4.68 -9.12
N PRO A 234 -0.43 -5.43 -10.16
CA PRO A 234 -1.38 -6.39 -10.76
C PRO A 234 -1.94 -7.37 -9.76
N VAL A 235 -3.17 -7.81 -10.02
CA VAL A 235 -3.81 -8.83 -9.21
C VAL A 235 -2.85 -10.00 -8.98
N LYS A 236 -2.72 -10.39 -7.71
N LYS A 236 -2.73 -10.40 -7.72
CA LYS A 236 -1.91 -11.49 -7.23
CA LYS A 236 -1.91 -11.50 -7.24
C LYS A 236 -0.39 -11.25 -7.27
C LYS A 236 -0.40 -11.25 -7.27
N TYR A 237 0.07 -10.09 -7.72
CA TYR A 237 1.50 -9.83 -7.67
C TYR A 237 1.91 -9.69 -6.20
N TRP A 238 3.00 -10.35 -5.84
CA TRP A 238 3.50 -10.30 -4.46
C TRP A 238 4.21 -8.97 -4.26
N HIS A 239 3.92 -8.31 -3.15
CA HIS A 239 4.46 -7.00 -2.85
C HIS A 239 4.87 -6.91 -1.38
N TYR A 240 5.99 -6.23 -1.16
CA TYR A 240 6.58 -5.95 0.15
C TYR A 240 6.85 -4.45 0.20
N VAL A 241 6.53 -3.81 1.33
CA VAL A 241 6.55 -2.35 1.40
C VAL A 241 7.16 -1.91 2.72
N ARG A 242 8.17 -1.03 2.66
CA ARG A 242 8.74 -0.41 3.85
C ARG A 242 8.72 1.10 3.71
N ALA A 243 8.15 1.79 4.69
CA ALA A 243 8.15 3.27 4.68
C ALA A 243 9.52 3.80 5.03
N LEU A 244 10.02 4.74 4.22
CA LEU A 244 11.31 5.35 4.43
C LEU A 244 11.22 6.67 5.20
N ASP A 245 10.04 7.24 5.29
CA ASP A 245 9.77 8.49 5.98
C ASP A 245 8.36 8.36 6.56
N LEU A 246 7.95 9.33 7.39
CA LEU A 246 6.54 9.49 7.69
C LEU A 246 5.77 9.44 6.38
N SER A 247 4.75 8.56 6.33
CA SER A 247 4.16 8.15 5.08
C SER A 247 2.64 8.08 5.15
N PHE A 248 2.02 8.49 4.04
CA PHE A 248 0.59 8.32 3.84
C PHE A 248 0.37 7.86 2.41
N SER A 249 -0.20 6.67 2.25
CA SER A 249 -0.55 6.11 0.95
C SER A 249 -2.04 5.83 0.93
N VAL A 250 -2.59 5.80 -0.28
CA VAL A 250 -4.00 5.50 -0.51
C VAL A 250 -4.05 4.42 -1.59
N SER A 251 -4.69 3.30 -1.28
N SER A 251 -4.77 3.34 -1.30
CA SER A 251 -4.85 2.22 -2.23
CA SER A 251 -4.85 2.18 -2.18
C SER A 251 -6.28 2.16 -2.75
C SER A 251 -6.27 2.02 -2.70
N PHE A 252 -6.39 1.72 -3.99
CA PHE A 252 -7.66 1.49 -4.67
C PHE A 252 -7.62 0.05 -5.14
N TRP A 253 -8.47 -0.79 -4.56
N TRP A 253 -8.41 -0.82 -4.51
CA TRP A 253 -8.63 -2.18 -4.97
CA TRP A 253 -8.59 -2.19 -4.97
C TRP A 253 -9.81 -2.27 -5.92
C TRP A 253 -9.78 -2.25 -5.92
N TRP A 254 -9.55 -2.83 -7.09
CA TRP A 254 -10.54 -2.81 -8.16
C TRP A 254 -10.39 -4.04 -9.05
N SER A 255 -11.47 -4.38 -9.76
N SER A 255 -11.39 -4.30 -9.89
CA SER A 255 -11.48 -5.49 -10.70
CA SER A 255 -11.30 -5.37 -10.86
C SER A 255 -12.17 -5.09 -11.96
C SER A 255 -12.16 -5.04 -12.07
N CYS B 1 -9.23 -4.55 1.54
CA CYS B 1 -7.84 -4.22 1.22
C CYS B 1 -6.89 -4.88 2.21
N ALA B 2 -7.42 -5.75 3.05
CA ALA B 2 -6.64 -6.31 4.15
C ALA B 2 -5.63 -7.33 3.64
N ARG B 3 -4.46 -7.33 4.27
CA ARG B 3 -3.55 -8.46 4.18
C ARG B 3 -3.40 -9.17 5.50
N ALA B 4 -3.74 -8.52 6.60
CA ALA B 4 -3.73 -9.13 7.92
C ALA B 4 -5.17 -9.43 8.30
N TYR B 5 -5.50 -10.71 8.35
CA TYR B 5 -6.85 -11.15 8.66
C TYR B 5 -6.91 -11.70 10.08
#